data_8E0G
#
_entry.id   8E0G
#
_cell.length_a   44.430
_cell.length_b   144.000
_cell.length_c   209.900
_cell.angle_alpha   90.00
_cell.angle_beta   90.00
_cell.angle_gamma   90.00
#
_symmetry.space_group_name_H-M   'I 21 21 21'
#
loop_
_entity.id
_entity.type
_entity.pdbx_description
1 polymer 'Mu-type opioid receptor'
2 polymer 'Nanobody 39'
3 non-polymer '(2R)-2,3-dihydroxypropyl (9Z)-octadec-9-enoate'
4 non-polymer CHOLESTEROL
5 non-polymer 'PHOSPHATE ION'
6 non-polymer 'HEXAETHYLENE GLYCOL'
7 non-polymer 'TETRAETHYLENE GLYCOL'
8 water water
#
loop_
_entity_poly.entity_id
_entity_poly.type
_entity_poly.pdbx_seq_one_letter_code
_entity_poly.pdbx_strand_id
1 'polypeptide(L)'
;GS(A1A7R)SL(YCM)PQTGSPSMVTAITIMALYSIVCVVGLFGNFLVMYVIVRYTKMKTATNIYIFNLALADALATSTL
PFQSVNYLMGTWPFGNILCKIVISIDYYNMFTSIFTLCTMSVDRYIAVCHPVKALDFRTPRNAKIVNVCNWILSSAIGLP
VMFMATTKYRQGSIDCTLTFSHPTWYWENLLKICVFIFAFIMPVLIITVCYGLMILRLKSVRMLSGSKEKDRNLRRITRM
VLVVVAVFIVCWTPIHIYVIIKALITIPETTFQTVSWHFCIALGYTNSCLNPVLYAFLDENFKRCF
;
A
2 'polypeptide(L)'
;QVQLVESGGGLVRPGGSLRLSCVDSERTSYPMGWFRRAPGKEREFVASITWSGIDPTYADSVADRFTTSRDVANNTLYLQ
MNSLKHEDTAVYYCAARAPV(UNK)(UNK)(UNK)(UNK)(UNK)(UNK)(UNK)DYDYWGQGTQVTVSSAAA
;
B
#
loop_
_chem_comp.id
_chem_comp.type
_chem_comp.name
_chem_comp.formula
CLR non-polymer CHOLESTEROL 'C27 H46 O'
OLC non-polymer '(2R)-2,3-dihydroxypropyl (9Z)-octadec-9-enoate' 'C21 H40 O4'
P6G non-polymer 'HEXAETHYLENE GLYCOL' 'C12 H26 O7'
PG4 non-polymer 'TETRAETHYLENE GLYCOL' 'C8 H18 O5'
PO4 non-polymer 'PHOSPHATE ION' 'O4 P -3'
#
# COMPACT_ATOMS: atom_id res chain seq x y z
N GLY A 1 32.09 10.86 -7.95
CA GLY A 1 30.97 9.91 -7.69
C GLY A 1 30.51 9.26 -8.98
N SER A 2 30.69 7.94 -9.05
CA SER A 2 30.18 7.14 -10.15
C SER A 2 28.75 6.72 -9.78
C8 A1A7R A 3 21.12 2.46 -11.13
C12 A1A7R A 3 19.90 5.67 -13.98
C3 A1A7R A 3 21.35 2.11 -8.06
C7 A1A7R A 3 20.57 3.39 -10.02
C9 A1A7R A 3 20.82 4.88 -10.41
C2 A1A7R A 3 21.50 3.43 -8.75
C10 A1A7R A 3 20.05 5.46 -11.58
C11 A1A7R A 3 20.64 5.42 -12.83
C6 A1A7R A 3 19.18 2.99 -9.54
C15 A1A7R A 3 18.72 5.87 -11.49
C1 A1A7R A 3 23.73 4.07 -7.94
N5 A1A7R A 3 16.74 3.48 -7.88
O1 A1A7R A 3 22.85 3.70 -9.05
C4 A1A7R A 3 20.11 1.78 -7.70
C5 A1A7R A 3 19.08 2.80 -8.04
C13 A1A7R A 3 18.57 6.00 -13.88
C14 A1A7R A 3 17.98 6.12 -12.64
N1 A1A7R A 3 20.49 5.45 -9.12
O2 A1A7R A 3 20.80 6.88 -9.00
CE1 A1A7R A 3 22.07 7.60 -9.07
NE2 A1A7R A 3 22.89 7.47 -7.88
CD2 A1A7R A 3 24.16 7.76 -8.15
CG A1A7R A 3 24.29 7.70 -9.48
CB A1A7R A 3 25.51 7.91 -10.32
CA A1A7R A 3 26.38 6.65 -10.44
N A1A7R A 3 27.78 7.03 -10.66
C A1A7R A 3 25.94 5.62 -11.49
O A1A7R A 3 26.11 4.42 -11.26
ND1 A1A7R A 3 23.11 7.31 -9.95
C22 A1A7R A 3 20.80 4.56 -7.97
C23 A1A7R A 3 19.47 4.12 -7.32
C24 A1A7R A 3 18.41 5.24 -7.49
C25 A1A7R A 3 17.03 4.74 -7.16
C26 A1A7R A 3 15.35 3.09 -7.63
C27 A1A7R A 3 17.68 2.42 -7.51
C28 A1A7R A 3 17.76 2.05 -6.03
C29 A1A7R A 3 18.76 2.83 -5.22
C30 A1A7R A 3 18.89 2.59 -3.86
C31 A1A7R A 3 19.80 3.30 -3.07
C32 A1A7R A 3 20.54 4.30 -3.65
O5 A1A7R A 3 21.42 5.08 -3.00
C33 A1A7R A 3 20.40 4.57 -5.01
C34 A1A7R A 3 19.55 3.82 -5.81
N SER A 4 25.37 6.07 -12.62
CA SER A 4 24.82 5.18 -13.63
C SER A 4 25.91 4.29 -14.29
N LEU A 5 27.08 4.89 -14.52
CA LEU A 5 28.26 4.26 -15.12
C LEU A 5 29.07 3.36 -14.19
N YCM A 6 29.14 2.05 -14.55
CA YCM A 6 29.98 1.05 -13.91
CB YCM A 6 29.41 -0.34 -14.13
SG YCM A 6 28.37 -1.00 -12.81
CD YCM A 6 27.57 0.51 -12.19
CE YCM A 6 28.28 1.08 -10.98
OZ1 YCM A 6 28.00 2.19 -10.56
NZ2 YCM A 6 29.21 0.30 -10.47
C YCM A 6 31.38 1.02 -14.56
O YCM A 6 31.46 0.76 -15.77
N PRO A 7 32.47 1.21 -13.78
CA PRO A 7 33.82 1.14 -14.35
C PRO A 7 34.08 -0.28 -14.81
N GLN A 8 34.12 -0.50 -16.12
CA GLN A 8 33.86 -1.83 -16.68
C GLN A 8 35.04 -2.67 -17.11
N THR A 9 35.69 -2.29 -18.21
CA THR A 9 36.58 -3.20 -18.91
C THR A 9 37.47 -4.18 -18.12
N GLY A 10 37.73 -5.40 -18.62
CA GLY A 10 37.47 -5.85 -19.98
C GLY A 10 36.01 -6.17 -20.32
N SER A 11 35.61 -5.86 -21.56
CA SER A 11 34.20 -5.88 -22.01
C SER A 11 33.60 -7.28 -21.94
N PRO A 12 32.29 -7.41 -21.62
CA PRO A 12 31.79 -8.63 -20.98
C PRO A 12 31.68 -9.84 -21.90
N SER A 13 31.41 -10.99 -21.29
CA SER A 13 31.14 -12.18 -22.03
C SER A 13 29.75 -11.94 -22.61
N MET A 14 29.53 -12.59 -23.76
CA MET A 14 28.29 -12.61 -24.46
C MET A 14 27.19 -12.85 -23.47
N VAL A 15 27.26 -14.03 -22.86
CA VAL A 15 26.23 -14.58 -21.97
C VAL A 15 25.89 -13.63 -20.78
N THR A 16 26.86 -12.85 -20.31
CA THR A 16 26.59 -12.00 -19.15
C THR A 16 25.79 -10.79 -19.66
N ALA A 17 26.15 -10.25 -20.85
CA ALA A 17 25.35 -9.14 -21.44
C ALA A 17 23.90 -9.58 -21.84
N ILE A 18 23.74 -10.80 -22.34
CA ILE A 18 22.41 -11.26 -22.73
C ILE A 18 21.64 -11.31 -21.44
N THR A 19 22.26 -11.94 -20.43
CA THR A 19 21.61 -12.09 -19.12
C THR A 19 21.12 -10.76 -18.58
N ILE A 20 21.97 -9.74 -18.60
CA ILE A 20 21.64 -8.52 -17.92
C ILE A 20 20.52 -7.78 -18.67
N MET A 21 20.68 -7.71 -19.98
CA MET A 21 19.61 -7.20 -20.83
C MET A 21 18.24 -7.85 -20.64
N ALA A 22 18.22 -9.18 -20.67
CA ALA A 22 17.07 -9.98 -20.40
C ALA A 22 16.51 -9.67 -19.04
N LEU A 23 17.40 -9.49 -18.04
CA LEU A 23 16.94 -9.12 -16.74
C LEU A 23 16.15 -7.82 -16.79
N TYR A 24 16.77 -6.76 -17.34
CA TYR A 24 16.13 -5.45 -17.42
C TYR A 24 14.85 -5.53 -18.25
N SER A 25 14.85 -6.30 -19.35
CA SER A 25 13.67 -6.35 -20.14
C SER A 25 12.51 -6.98 -19.44
N ILE A 26 12.74 -8.14 -18.85
CA ILE A 26 11.69 -8.90 -18.25
C ILE A 26 11.04 -8.11 -17.12
N VAL A 27 11.86 -7.46 -16.29
CA VAL A 27 11.34 -6.81 -15.12
C VAL A 27 10.50 -5.63 -15.59
N CYS A 28 10.98 -4.98 -16.65
CA CYS A 28 10.33 -3.78 -17.15
C CYS A 28 8.94 -4.19 -17.67
N VAL A 29 8.90 -5.22 -18.51
CA VAL A 29 7.68 -5.68 -19.16
C VAL A 29 6.67 -6.17 -18.11
N VAL A 30 7.11 -7.08 -17.25
CA VAL A 30 6.25 -7.58 -16.21
C VAL A 30 5.76 -6.41 -15.30
N GLY A 31 6.66 -5.50 -14.90
CA GLY A 31 6.24 -4.35 -14.12
C GLY A 31 5.22 -3.43 -14.77
N LEU A 32 5.48 -3.11 -16.05
CA LEU A 32 4.56 -2.25 -16.79
C LEU A 32 3.22 -2.94 -16.94
N PHE A 33 3.24 -4.24 -17.19
CA PHE A 33 2.02 -4.96 -17.51
C PHE A 33 1.14 -5.10 -16.27
N GLY A 34 1.72 -5.62 -15.19
CA GLY A 34 0.99 -5.83 -13.96
C GLY A 34 0.41 -4.53 -13.42
N ASN A 35 1.19 -3.46 -13.50
CA ASN A 35 0.74 -2.20 -12.91
C ASN A 35 -0.28 -1.47 -13.79
N PHE A 36 -0.12 -1.54 -15.11
CA PHE A 36 -1.16 -1.01 -15.99
C PHE A 36 -2.46 -1.77 -15.85
N LEU A 37 -2.34 -3.08 -15.63
CA LEU A 37 -3.51 -3.88 -15.47
C LEU A 37 -4.30 -3.47 -14.19
N VAL A 38 -3.60 -3.32 -13.06
CA VAL A 38 -4.22 -2.77 -11.85
C VAL A 38 -4.91 -1.39 -12.15
N MET A 39 -4.18 -0.46 -12.76
CA MET A 39 -4.74 0.84 -13.06
C MET A 39 -5.94 0.70 -13.92
N TYR A 40 -5.92 -0.25 -14.86
CA TYR A 40 -7.03 -0.36 -15.78
C TYR A 40 -8.22 -0.88 -15.01
N VAL A 41 -8.01 -1.94 -14.25
CA VAL A 41 -9.09 -2.57 -13.48
C VAL A 41 -9.73 -1.53 -12.51
N ILE A 42 -8.91 -0.67 -11.91
CA ILE A 42 -9.43 0.36 -11.01
C ILE A 42 -10.31 1.37 -11.76
N VAL A 43 -9.77 1.95 -12.85
CA VAL A 43 -10.38 3.03 -13.57
C VAL A 43 -11.65 2.52 -14.24
N ARG A 44 -11.61 1.29 -14.75
CA ARG A 44 -12.73 0.66 -15.45
C ARG A 44 -13.82 0.13 -14.53
N TYR A 45 -13.47 -0.76 -13.60
CA TYR A 45 -14.44 -1.50 -12.77
C TYR A 45 -14.63 -0.93 -11.33
N THR A 46 -13.58 -0.89 -10.51
CA THR A 46 -13.71 -0.64 -9.06
C THR A 46 -14.00 0.82 -8.77
N LYS A 47 -13.42 1.73 -9.56
CA LYS A 47 -13.74 3.14 -9.55
C LYS A 47 -13.06 4.14 -8.55
N MET A 48 -12.30 3.66 -7.57
CA MET A 48 -11.64 4.63 -6.67
C MET A 48 -12.54 5.42 -5.68
N LYS A 49 -13.64 4.83 -5.24
CA LYS A 49 -14.48 5.49 -4.28
C LYS A 49 -14.02 5.18 -2.86
N THR A 50 -13.15 4.20 -2.69
CA THR A 50 -12.76 3.74 -1.35
C THR A 50 -11.31 4.05 -1.13
N ALA A 51 -10.95 4.17 0.15
CA ALA A 51 -9.59 4.40 0.51
C ALA A 51 -8.62 3.33 0.01
N THR A 52 -8.99 2.07 0.19
CA THR A 52 -8.10 1.01 -0.16
C THR A 52 -7.76 1.07 -1.69
N ASN A 53 -8.75 1.33 -2.54
CA ASN A 53 -8.53 1.48 -3.99
C ASN A 53 -7.71 2.70 -4.36
N ILE A 54 -7.81 3.76 -3.56
CA ILE A 54 -7.02 4.95 -3.74
C ILE A 54 -5.57 4.65 -3.44
N TYR A 55 -5.28 3.90 -2.37
CA TYR A 55 -3.91 3.46 -2.08
C TYR A 55 -3.33 2.51 -3.18
N ILE A 56 -4.14 1.55 -3.59
CA ILE A 56 -3.80 0.60 -4.66
C ILE A 56 -3.42 1.32 -5.94
N PHE A 57 -4.27 2.28 -6.32
CA PHE A 57 -4.01 3.09 -7.49
C PHE A 57 -2.68 3.84 -7.39
N ASN A 58 -2.43 4.48 -6.26
CA ASN A 58 -1.21 5.24 -6.07
C ASN A 58 0.01 4.31 -6.14
N LEU A 59 -0.10 3.09 -5.55
CA LEU A 59 0.97 2.16 -5.55
C LEU A 59 1.27 1.71 -7.03
N ALA A 60 0.22 1.36 -7.77
CA ALA A 60 0.42 0.92 -9.11
C ALA A 60 1.03 2.01 -10.00
N LEU A 61 0.58 3.25 -9.88
CA LEU A 61 1.12 4.29 -10.72
C LEU A 61 2.64 4.43 -10.39
N ALA A 62 2.98 4.46 -9.10
CA ALA A 62 4.39 4.61 -8.73
C ALA A 62 5.22 3.44 -9.26
N ASP A 63 4.69 2.23 -9.09
CA ASP A 63 5.39 1.05 -9.55
C ASP A 63 5.57 1.00 -11.09
N ALA A 64 4.60 1.55 -11.81
CA ALA A 64 4.61 1.60 -13.26
C ALA A 64 5.70 2.65 -13.67
N LEU A 65 5.77 3.77 -12.93
CA LEU A 65 6.77 4.79 -13.21
C LEU A 65 8.18 4.33 -12.89
N ALA A 66 8.34 3.62 -11.77
CA ALA A 66 9.62 3.03 -11.39
C ALA A 66 10.17 2.16 -12.54
N THR A 67 9.34 1.24 -13.02
CA THR A 67 9.74 0.33 -14.10
C THR A 67 9.96 1.03 -15.44
N SER A 68 9.30 2.17 -15.65
CA SER A 68 9.46 2.95 -16.86
C SER A 68 10.86 3.50 -17.04
N THR A 69 11.66 3.53 -15.97
CA THR A 69 13.01 3.98 -16.10
C THR A 69 13.95 2.97 -16.65
N LEU A 70 13.57 1.66 -16.57
CA LEU A 70 14.46 0.51 -16.94
C LEU A 70 14.99 0.49 -18.36
N PRO A 71 14.20 0.85 -19.40
CA PRO A 71 14.78 0.81 -20.75
C PRO A 71 15.94 1.82 -20.82
N PHE A 72 15.87 2.94 -20.04
CA PHE A 72 16.93 3.94 -20.11
C PHE A 72 18.13 3.29 -19.50
N GLN A 73 17.90 2.53 -18.42
CA GLN A 73 18.99 1.84 -17.74
C GLN A 73 19.60 0.65 -18.56
N SER A 74 18.78 -0.10 -19.31
CA SER A 74 19.39 -1.13 -20.16
C SER A 74 20.32 -0.54 -21.22
N VAL A 75 19.86 0.51 -21.91
CA VAL A 75 20.65 1.13 -22.99
C VAL A 75 21.94 1.66 -22.34
N ASN A 76 21.80 2.33 -21.19
CA ASN A 76 22.97 2.89 -20.48
C ASN A 76 23.96 1.76 -20.20
N TYR A 77 23.45 0.62 -19.73
CA TYR A 77 24.30 -0.52 -19.53
C TYR A 77 24.85 -0.95 -20.92
N LEU A 78 23.98 -1.18 -21.91
CA LEU A 78 24.44 -1.83 -23.13
C LEU A 78 25.50 -1.05 -23.88
N MET A 79 25.43 0.27 -23.77
CA MET A 79 26.29 1.17 -24.51
C MET A 79 27.50 1.59 -23.69
N GLY A 80 27.47 1.33 -22.37
CA GLY A 80 28.52 1.78 -21.48
C GLY A 80 28.59 3.29 -21.30
N THR A 81 27.48 3.99 -21.58
CA THR A 81 27.36 5.44 -21.52
C THR A 81 25.91 5.86 -21.54
N TRP A 82 25.64 7.09 -21.06
CA TRP A 82 24.33 7.72 -21.08
C TRP A 82 24.16 8.56 -22.34
N PRO A 83 23.31 8.11 -23.29
CA PRO A 83 23.15 8.79 -24.59
C PRO A 83 22.02 9.81 -24.69
N PHE A 84 21.24 9.99 -23.62
CA PHE A 84 19.95 10.67 -23.69
C PHE A 84 20.00 12.19 -23.35
N GLY A 85 21.21 12.68 -23.04
CA GLY A 85 21.39 14.07 -22.75
C GLY A 85 21.03 14.42 -21.30
N ASN A 86 21.22 15.71 -21.00
CA ASN A 86 21.22 16.23 -19.65
C ASN A 86 19.80 16.38 -19.12
N ILE A 87 18.87 16.77 -20.01
CA ILE A 87 17.47 16.95 -19.62
C ILE A 87 16.75 15.65 -19.23
N LEU A 88 16.98 14.61 -20.03
CA LEU A 88 16.42 13.31 -19.74
C LEU A 88 17.08 12.65 -18.55
N CYS A 89 18.35 12.97 -18.30
CA CYS A 89 19.07 12.52 -17.13
C CYS A 89 18.34 13.01 -15.87
N LYS A 90 18.07 14.32 -15.78
CA LYS A 90 17.29 14.92 -14.71
C LYS A 90 15.92 14.30 -14.52
N ILE A 91 15.23 14.07 -15.63
CA ILE A 91 13.86 13.62 -15.58
C ILE A 91 13.83 12.19 -15.13
N VAL A 92 14.68 11.33 -15.67
CA VAL A 92 14.67 9.92 -15.30
C VAL A 92 15.20 9.68 -13.86
N ILE A 93 16.28 10.38 -13.47
CA ILE A 93 16.75 10.32 -12.08
C ILE A 93 15.63 10.75 -11.14
N SER A 94 15.00 11.86 -11.45
CA SER A 94 13.98 12.37 -10.64
C SER A 94 12.80 11.41 -10.48
N ILE A 95 12.31 10.91 -11.60
CA ILE A 95 11.24 9.95 -11.56
C ILE A 95 11.63 8.73 -10.80
N ASP A 96 12.87 8.27 -10.99
CA ASP A 96 13.30 7.08 -10.33
C ASP A 96 13.32 7.27 -8.78
N TYR A 97 13.90 8.37 -8.31
CA TYR A 97 13.84 8.62 -6.82
C TYR A 97 12.41 8.85 -6.34
N TYR A 98 11.66 9.72 -7.03
CA TYR A 98 10.31 10.01 -6.57
C TYR A 98 9.50 8.74 -6.34
N ASN A 99 9.60 7.81 -7.30
CA ASN A 99 8.74 6.66 -7.31
C ASN A 99 9.21 5.49 -6.55
N MET A 100 10.53 5.38 -6.32
CA MET A 100 10.99 4.50 -5.28
C MET A 100 10.26 4.90 -3.93
N PHE A 101 10.25 6.19 -3.61
CA PHE A 101 9.75 6.63 -2.28
C PHE A 101 8.21 6.57 -2.25
N THR A 102 7.54 6.93 -3.35
CA THR A 102 6.09 6.82 -3.39
C THR A 102 5.64 5.39 -3.21
N SER A 103 6.31 4.48 -3.91
CA SER A 103 5.98 3.08 -3.89
C SER A 103 6.08 2.61 -2.42
N ILE A 104 7.28 2.81 -1.86
CA ILE A 104 7.59 2.38 -0.55
C ILE A 104 6.69 3.06 0.54
N PHE A 105 6.48 4.37 0.46
CA PHE A 105 5.61 5.07 1.43
C PHE A 105 4.15 4.59 1.31
N THR A 106 3.66 4.22 0.12
CA THR A 106 2.27 3.80 -0.01
C THR A 106 2.09 2.42 0.61
N LEU A 107 3.09 1.56 0.42
CA LEU A 107 3.02 0.26 1.01
C LEU A 107 3.16 0.23 2.52
N CYS A 108 3.95 1.16 3.09
CA CYS A 108 3.91 1.43 4.51
C CYS A 108 2.56 1.88 4.94
N THR A 109 2.00 2.87 4.22
CA THR A 109 0.68 3.33 4.44
C THR A 109 -0.36 2.25 4.55
N MET A 110 -0.33 1.27 3.65
CA MET A 110 -1.25 0.15 3.70
C MET A 110 -1.06 -0.73 4.94
N SER A 111 0.17 -0.83 5.42
CA SER A 111 0.44 -1.51 6.68
C SER A 111 -0.16 -0.74 7.86
N VAL A 112 0.08 0.56 7.90
CA VAL A 112 -0.45 1.40 9.01
C VAL A 112 -1.98 1.38 9.03
N ASP A 113 -2.57 1.48 7.85
CA ASP A 113 -4.03 1.39 7.66
C ASP A 113 -4.62 0.11 8.27
N ARG A 114 -3.95 -1.02 8.02
CA ARG A 114 -4.36 -2.30 8.57
C ARG A 114 -4.16 -2.44 10.07
N TYR A 115 -3.03 -1.91 10.57
CA TYR A 115 -2.81 -1.84 11.98
C TYR A 115 -3.91 -1.00 12.68
N ILE A 116 -4.22 0.18 12.11
CA ILE A 116 -5.28 1.05 12.61
C ILE A 116 -6.61 0.35 12.67
N ALA A 117 -6.99 -0.35 11.57
CA ALA A 117 -8.23 -1.12 11.53
C ALA A 117 -8.40 -2.12 12.66
N VAL A 118 -7.33 -2.83 12.99
CA VAL A 118 -7.43 -3.89 13.96
C VAL A 118 -7.16 -3.34 15.37
N CYS A 119 -6.14 -2.50 15.50
CA CYS A 119 -5.68 -2.03 16.84
C CYS A 119 -6.33 -0.79 17.37
N HIS A 120 -6.89 0.05 16.49
CA HIS A 120 -7.62 1.27 16.80
C HIS A 120 -8.90 1.42 16.00
N PRO A 121 -9.85 0.47 16.16
CA PRO A 121 -11.02 0.43 15.30
C PRO A 121 -11.91 1.62 15.36
N VAL A 122 -11.97 2.25 16.53
CA VAL A 122 -12.72 3.47 16.67
C VAL A 122 -12.13 4.61 15.86
N LYS A 123 -10.81 4.81 15.96
CA LYS A 123 -10.11 5.81 15.13
C LYS A 123 -10.09 5.46 13.65
N ALA A 124 -10.15 4.18 13.35
CA ALA A 124 -10.23 3.73 12.00
C ALA A 124 -11.42 4.36 11.29
N LEU A 125 -12.50 4.58 12.01
CA LEU A 125 -13.69 5.21 11.44
C LEU A 125 -13.42 6.60 10.84
N ASP A 126 -12.45 7.33 11.45
CA ASP A 126 -12.00 8.65 10.97
C ASP A 126 -10.90 8.51 9.98
N PHE A 127 -9.97 7.58 10.21
CA PHE A 127 -8.81 7.45 9.34
C PHE A 127 -9.12 6.86 7.92
N ARG A 128 -10.04 5.89 7.83
CA ARG A 128 -10.12 5.07 6.63
C ARG A 128 -11.15 5.54 5.65
N THR A 129 -11.16 6.84 5.39
CA THR A 129 -12.07 7.48 4.47
C THR A 129 -11.29 7.75 3.19
N PRO A 130 -11.98 7.78 2.02
CA PRO A 130 -11.35 8.20 0.77
C PRO A 130 -10.65 9.60 0.86
N ARG A 131 -11.24 10.50 1.61
CA ARG A 131 -10.70 11.82 1.76
C ARG A 131 -9.33 11.77 2.41
N ASN A 132 -9.20 11.00 3.50
CA ASN A 132 -7.93 10.86 4.18
C ASN A 132 -6.87 10.16 3.41
N ALA A 133 -7.26 9.18 2.60
CA ALA A 133 -6.33 8.45 1.80
C ALA A 133 -5.70 9.37 0.73
N LYS A 134 -6.52 10.24 0.14
CA LYS A 134 -6.02 11.30 -0.75
C LYS A 134 -5.05 12.28 -0.02
N ILE A 135 -5.41 12.76 1.17
CA ILE A 135 -4.55 13.64 1.85
C ILE A 135 -3.22 12.91 2.15
N VAL A 136 -3.30 11.62 2.53
CA VAL A 136 -2.11 10.87 2.88
C VAL A 136 -1.15 10.71 1.70
N ASN A 137 -1.70 10.39 0.54
CA ASN A 137 -0.95 10.33 -0.72
C ASN A 137 -0.27 11.67 -1.05
N VAL A 138 -0.93 12.80 -0.75
CA VAL A 138 -0.33 14.08 -0.99
C VAL A 138 0.84 14.30 0.00
N CYS A 139 0.59 14.02 1.28
CA CYS A 139 1.62 14.11 2.33
C CYS A 139 2.87 13.25 1.96
N ASN A 140 2.64 11.99 1.57
CA ASN A 140 3.73 11.14 1.13
C ASN A 140 4.46 11.71 -0.07
N TRP A 141 3.73 12.36 -0.97
CA TRP A 141 4.37 12.90 -2.11
C TRP A 141 5.27 14.10 -1.66
N ILE A 142 4.75 14.90 -0.76
CA ILE A 142 5.52 16.00 -0.15
C ILE A 142 6.83 15.47 0.39
N LEU A 143 6.76 14.35 1.11
CA LEU A 143 7.89 13.81 1.80
C LEU A 143 8.88 13.34 0.74
N SER A 144 8.38 12.62 -0.25
CA SER A 144 9.17 12.16 -1.37
C SER A 144 9.87 13.31 -2.10
N SER A 145 9.23 14.48 -2.14
CA SER A 145 9.82 15.66 -2.80
C SER A 145 11.12 16.15 -2.11
N ALA A 146 11.26 15.88 -0.80
CA ALA A 146 12.48 16.28 -0.10
C ALA A 146 13.74 15.69 -0.75
N ILE A 147 13.61 14.54 -1.42
CA ILE A 147 14.69 13.99 -2.25
C ILE A 147 14.41 14.09 -3.74
N GLY A 148 13.16 13.92 -4.14
CA GLY A 148 12.83 13.92 -5.57
C GLY A 148 13.12 15.20 -6.33
N LEU A 149 12.92 16.33 -5.67
CA LEU A 149 13.18 17.64 -6.26
C LEU A 149 14.65 18.04 -6.24
N PRO A 150 15.37 17.97 -5.10
CA PRO A 150 16.81 18.23 -5.12
C PRO A 150 17.59 17.44 -6.24
N VAL A 151 17.25 16.15 -6.44
CA VAL A 151 17.96 15.37 -7.46
C VAL A 151 17.75 15.88 -8.85
N MET A 152 16.58 16.46 -9.08
CA MET A 152 16.28 17.11 -10.33
C MET A 152 17.31 18.25 -10.60
N PHE A 153 17.66 18.98 -9.54
CA PHE A 153 18.68 20.05 -9.61
C PHE A 153 20.07 19.45 -9.66
N MET A 154 20.32 18.41 -8.85
CA MET A 154 21.66 17.83 -8.75
C MET A 154 22.07 16.96 -9.96
N ALA A 155 21.09 16.31 -10.58
CA ALA A 155 21.39 15.37 -11.68
C ALA A 155 21.96 16.11 -12.84
N THR A 156 23.01 15.55 -13.43
CA THR A 156 23.58 16.12 -14.63
C THR A 156 24.40 15.07 -15.31
N THR A 157 24.66 15.27 -16.60
CA THR A 157 25.59 14.43 -17.30
C THR A 157 26.96 15.05 -17.19
N LYS A 158 27.98 14.22 -17.01
CA LYS A 158 29.35 14.67 -17.20
C LYS A 158 30.26 13.58 -17.79
N TYR A 159 31.30 14.02 -18.50
CA TYR A 159 32.38 13.16 -19.02
C TYR A 159 33.21 12.45 -17.92
N ARG A 160 33.55 11.20 -18.22
CA ARG A 160 34.13 10.25 -17.31
C ARG A 160 34.80 9.16 -18.19
N GLN A 161 36.02 9.45 -18.67
CA GLN A 161 36.85 8.56 -19.49
C GLN A 161 36.34 8.42 -20.94
N GLY A 162 36.09 9.57 -21.59
CA GLY A 162 35.47 9.60 -22.91
C GLY A 162 33.96 9.38 -22.87
N SER A 163 33.51 8.42 -22.03
CA SER A 163 32.10 8.01 -21.85
C SER A 163 31.29 8.98 -20.95
N ILE A 164 29.98 8.74 -20.84
CA ILE A 164 29.03 9.65 -20.17
C ILE A 164 28.28 9.01 -19.01
N ASP A 165 28.50 9.58 -17.80
CA ASP A 165 27.85 9.24 -16.56
C ASP A 165 26.64 10.20 -16.45
N CYS A 166 25.50 9.66 -16.00
CA CYS A 166 24.34 10.44 -15.62
C CYS A 166 24.45 10.34 -14.12
N THR A 167 24.81 11.45 -13.49
CA THR A 167 25.27 11.42 -12.08
C THR A 167 24.69 12.57 -11.28
N LEU A 168 25.03 12.63 -9.99
CA LEU A 168 24.55 13.67 -9.04
C LEU A 168 25.77 14.52 -8.70
N THR A 169 25.63 15.83 -8.85
CA THR A 169 26.66 16.76 -8.35
C THR A 169 26.19 17.34 -7.00
N PHE A 170 27.12 17.57 -6.10
CA PHE A 170 26.78 17.90 -4.73
C PHE A 170 27.49 19.11 -4.41
N SER A 171 26.99 19.85 -3.41
CA SER A 171 27.76 20.97 -2.85
C SER A 171 29.04 20.49 -2.11
N HIS A 172 29.87 21.47 -1.80
CA HIS A 172 31.04 21.27 -1.00
C HIS A 172 30.72 21.06 0.49
N PRO A 173 31.42 20.14 1.18
CA PRO A 173 32.30 19.17 0.53
C PRO A 173 31.50 18.00 0.04
N THR A 174 31.83 17.54 -1.19
CA THR A 174 31.03 16.50 -1.85
C THR A 174 30.98 15.24 -1.04
N TRP A 175 32.10 14.92 -0.39
CA TRP A 175 32.17 13.72 0.42
C TRP A 175 31.24 13.77 1.68
N TYR A 176 30.80 14.96 2.09
CA TYR A 176 29.81 14.92 3.15
C TYR A 176 28.46 14.72 2.54
N TRP A 177 28.07 15.62 1.66
CA TRP A 177 26.66 15.62 1.21
C TRP A 177 26.31 14.37 0.39
N GLU A 178 27.27 13.84 -0.36
CA GLU A 178 27.01 12.61 -1.11
C GLU A 178 26.74 11.42 -0.17
N ASN A 179 27.52 11.31 0.90
CA ASN A 179 27.26 10.23 1.85
C ASN A 179 26.01 10.41 2.70
N LEU A 180 25.70 11.66 3.04
CA LEU A 180 24.43 11.94 3.66
C LEU A 180 23.27 11.50 2.76
N LEU A 181 23.37 11.83 1.47
CA LEU A 181 22.30 11.40 0.58
C LEU A 181 22.15 9.89 0.69
N LYS A 182 23.25 9.13 0.57
CA LYS A 182 23.16 7.66 0.61
C LYS A 182 22.56 7.12 1.88
N ILE A 183 23.03 7.69 2.99
CA ILE A 183 22.45 7.42 4.27
C ILE A 183 21.00 7.68 4.34
N CYS A 184 20.55 8.84 3.86
CA CYS A 184 19.14 9.15 3.97
C CYS A 184 18.32 8.21 3.17
N VAL A 185 18.82 7.86 1.97
CA VAL A 185 18.06 6.99 1.14
C VAL A 185 17.97 5.67 1.86
N PHE A 186 19.08 5.16 2.39
CA PHE A 186 19.06 3.92 3.07
C PHE A 186 18.05 3.87 4.28
N ILE A 187 17.95 4.95 5.05
N ILE A 187 17.97 4.95 5.07
CA ILE A 187 17.05 4.95 6.20
CA ILE A 187 17.03 5.02 6.18
C ILE A 187 15.54 5.22 5.89
C ILE A 187 15.56 5.10 5.77
N PHE A 188 15.24 6.07 4.92
CA PHE A 188 13.92 6.31 4.54
C PHE A 188 13.35 5.32 3.55
N ALA A 189 14.18 4.71 2.70
CA ALA A 189 13.66 3.75 1.73
C ALA A 189 13.73 2.34 2.26
N PHE A 190 14.61 2.07 3.23
CA PHE A 190 14.77 0.73 3.68
C PHE A 190 14.50 0.56 5.20
N ILE A 191 15.30 1.23 6.04
CA ILE A 191 15.23 0.96 7.47
C ILE A 191 13.88 1.27 8.08
N MET A 192 13.41 2.49 7.86
CA MET A 192 12.17 2.95 8.40
C MET A 192 11.00 2.10 7.89
N PRO A 193 10.91 1.86 6.56
CA PRO A 193 9.85 0.98 6.05
C PRO A 193 9.86 -0.42 6.66
N VAL A 194 11.04 -1.01 6.83
CA VAL A 194 11.10 -2.34 7.38
C VAL A 194 10.57 -2.27 8.82
N LEU A 195 10.93 -1.22 9.57
CA LEU A 195 10.47 -1.11 10.95
C LEU A 195 8.95 -0.90 11.00
N ILE A 196 8.46 0.01 10.15
CA ILE A 196 7.03 0.32 10.13
C ILE A 196 6.14 -0.91 9.88
N ILE A 197 6.44 -1.66 8.82
CA ILE A 197 5.58 -2.76 8.41
C ILE A 197 5.73 -3.92 9.38
N THR A 198 6.94 -4.19 9.87
CA THR A 198 7.09 -5.29 10.80
C THR A 198 6.39 -4.95 12.15
N VAL A 199 6.41 -3.68 12.57
CA VAL A 199 5.80 -3.33 13.88
C VAL A 199 4.28 -3.30 13.75
N CYS A 200 3.80 -2.66 12.69
CA CYS A 200 2.38 -2.51 12.46
C CYS A 200 1.75 -3.89 12.27
N TYR A 201 2.38 -4.77 11.47
CA TYR A 201 1.78 -6.07 11.18
C TYR A 201 1.95 -6.98 12.33
N GLY A 202 3.09 -6.88 13.02
CA GLY A 202 3.28 -7.71 14.20
C GLY A 202 2.28 -7.31 15.33
N LEU A 203 2.06 -6.03 15.56
CA LEU A 203 1.04 -5.60 16.55
C LEU A 203 -0.40 -6.02 16.12
N MET A 204 -0.62 -6.01 14.80
CA MET A 204 -1.93 -6.42 14.25
C MET A 204 -2.16 -7.92 14.59
N ILE A 205 -1.14 -8.74 14.31
CA ILE A 205 -1.24 -10.15 14.58
C ILE A 205 -1.42 -10.38 16.05
N LEU A 206 -0.67 -9.66 16.88
CA LEU A 206 -0.79 -9.83 18.32
C LEU A 206 -2.21 -9.55 18.78
N ARG A 207 -2.83 -8.45 18.33
N ARG A 207 -2.80 -8.44 18.31
CA ARG A 207 -4.23 -8.19 18.76
CA ARG A 207 -4.18 -8.12 18.68
C ARG A 207 -5.14 -9.36 18.33
C ARG A 207 -5.13 -9.28 18.31
N LEU A 208 -4.99 -9.79 17.08
CA LEU A 208 -5.80 -10.86 16.57
C LEU A 208 -5.65 -12.15 17.41
N LYS A 209 -4.41 -12.51 17.75
CA LYS A 209 -4.19 -13.73 18.47
C LYS A 209 -4.80 -13.61 19.89
N SER A 210 -5.00 -12.39 20.38
CA SER A 210 -5.51 -12.23 21.75
C SER A 210 -7.02 -12.38 21.85
N VAL A 211 -7.75 -12.47 20.74
CA VAL A 211 -9.18 -12.49 20.85
C VAL A 211 -9.64 -13.86 21.28
N ARG A 212 -10.59 -13.87 22.22
CA ARG A 212 -11.33 -15.07 22.60
C ARG A 212 -12.75 -14.96 22.11
N MET A 213 -13.50 -16.03 22.26
CA MET A 213 -14.93 -16.05 21.99
C MET A 213 -15.38 -17.41 22.46
N LEU A 214 -16.28 -17.45 23.46
CA LEU A 214 -16.67 -18.69 24.14
C LEU A 214 -16.76 -19.92 23.19
N SER A 215 -17.08 -19.66 21.90
CA SER A 215 -17.36 -20.68 20.90
C SER A 215 -16.26 -20.82 19.84
N GLY A 216 -16.03 -19.73 19.10
CA GLY A 216 -14.89 -19.60 18.22
C GLY A 216 -14.88 -20.58 17.05
N SER A 217 -13.70 -21.09 16.66
CA SER A 217 -12.45 -21.03 17.43
C SER A 217 -11.35 -21.63 16.55
N LYS A 218 -11.62 -22.84 16.05
CA LYS A 218 -10.99 -23.39 14.87
C LYS A 218 -11.03 -22.37 13.70
N GLU A 219 -12.14 -21.63 13.57
CA GLU A 219 -12.32 -20.52 12.59
C GLU A 219 -11.37 -19.38 12.83
N LYS A 220 -11.20 -19.03 14.11
CA LYS A 220 -10.21 -18.04 14.52
C LYS A 220 -8.75 -18.50 14.25
N ASP A 221 -8.38 -19.72 14.67
CA ASP A 221 -7.05 -20.28 14.34
C ASP A 221 -6.77 -20.14 12.82
N ARG A 222 -7.78 -20.46 12.02
CA ARG A 222 -7.71 -20.61 10.58
C ARG A 222 -7.40 -19.29 9.97
N ASN A 223 -8.22 -18.29 10.33
CA ASN A 223 -8.00 -16.91 9.94
C ASN A 223 -6.63 -16.34 10.23
N LEU A 224 -6.19 -16.47 11.49
CA LEU A 224 -4.86 -16.07 11.91
C LEU A 224 -3.76 -16.68 11.08
N ARG A 225 -3.94 -17.94 10.67
CA ARG A 225 -2.96 -18.67 9.87
C ARG A 225 -2.82 -18.02 8.50
N ARG A 226 -3.95 -17.69 7.88
CA ARG A 226 -3.98 -17.05 6.58
C ARG A 226 -3.38 -15.62 6.66
N ILE A 227 -3.71 -14.90 7.72
CA ILE A 227 -3.23 -13.53 7.84
C ILE A 227 -1.75 -13.50 8.14
N THR A 228 -1.33 -14.37 9.04
CA THR A 228 0.08 -14.46 9.40
C THR A 228 0.93 -14.81 8.18
N ARG A 229 0.45 -15.74 7.36
CA ARG A 229 1.20 -16.18 6.21
C ARG A 229 1.33 -15.01 5.25
N MET A 230 0.26 -14.24 5.10
CA MET A 230 0.28 -13.08 4.22
C MET A 230 1.25 -12.01 4.71
N VAL A 231 1.23 -11.72 6.01
CA VAL A 231 2.21 -10.84 6.60
C VAL A 231 3.63 -11.30 6.33
N LEU A 232 3.92 -12.59 6.57
CA LEU A 232 5.26 -13.07 6.32
C LEU A 232 5.67 -12.94 4.84
N VAL A 233 4.73 -13.18 3.92
CA VAL A 233 5.04 -13.01 2.52
C VAL A 233 5.36 -11.56 2.17
N VAL A 234 4.50 -10.60 2.56
CA VAL A 234 4.73 -9.25 2.10
C VAL A 234 6.03 -8.68 2.69
N VAL A 235 6.38 -9.09 3.92
CA VAL A 235 7.60 -8.60 4.57
C VAL A 235 8.83 -9.22 3.90
N ALA A 236 8.78 -10.54 3.70
CA ALA A 236 9.84 -11.29 3.06
C ALA A 236 10.09 -10.78 1.62
N VAL A 237 9.05 -10.52 0.86
CA VAL A 237 9.25 -9.95 -0.46
C VAL A 237 9.96 -8.58 -0.42
N PHE A 238 9.47 -7.68 0.43
CA PHE A 238 10.11 -6.41 0.62
C PHE A 238 11.60 -6.55 0.95
N ILE A 239 11.90 -7.46 1.88
CA ILE A 239 13.26 -7.66 2.32
C ILE A 239 14.17 -8.27 1.25
N VAL A 240 13.69 -9.29 0.56
CA VAL A 240 14.48 -9.95 -0.47
C VAL A 240 14.74 -9.00 -1.64
N CYS A 241 13.74 -8.20 -2.00
CA CYS A 241 13.84 -7.31 -3.16
C CYS A 241 14.73 -6.10 -2.98
N TRP A 242 14.67 -5.50 -1.78
CA TRP A 242 15.31 -4.23 -1.52
C TRP A 242 16.65 -4.25 -0.72
N THR A 243 16.84 -5.28 0.12
CA THR A 243 18.01 -5.33 0.98
C THR A 243 19.26 -5.41 0.10
N PRO A 244 19.30 -6.20 -1.00
CA PRO A 244 20.56 -6.38 -1.71
C PRO A 244 21.13 -5.07 -2.26
N ILE A 245 20.30 -4.31 -2.99
CA ILE A 245 20.79 -3.07 -3.59
C ILE A 245 21.19 -2.07 -2.52
N HIS A 246 20.42 -2.01 -1.43
CA HIS A 246 20.76 -1.12 -0.32
C HIS A 246 22.08 -1.39 0.31
N ILE A 247 22.38 -2.66 0.53
CA ILE A 247 23.60 -3.03 1.17
C ILE A 247 24.75 -2.83 0.23
N TYR A 248 24.53 -3.18 -1.04
CA TYR A 248 25.54 -3.05 -2.03
C TYR A 248 25.95 -1.57 -2.19
N VAL A 249 24.98 -0.66 -2.20
CA VAL A 249 25.30 0.72 -2.35
C VAL A 249 26.19 1.19 -1.13
N ILE A 250 25.83 0.78 0.08
CA ILE A 250 26.65 1.12 1.28
C ILE A 250 28.05 0.53 1.19
N ILE A 251 28.14 -0.73 0.78
CA ILE A 251 29.43 -1.36 0.72
C ILE A 251 30.30 -0.59 -0.22
N LYS A 252 29.75 -0.09 -1.32
CA LYS A 252 30.59 0.61 -2.30
C LYS A 252 30.98 1.97 -1.78
N ALA A 253 30.17 2.54 -0.90
CA ALA A 253 30.55 3.79 -0.32
C ALA A 253 31.81 3.58 0.56
N LEU A 254 32.02 2.38 1.10
CA LEU A 254 32.97 2.15 2.18
C LEU A 254 34.25 1.56 1.74
N ILE A 255 34.20 0.63 0.78
CA ILE A 255 35.39 -0.08 0.32
C ILE A 255 35.48 -0.05 -1.20
N THR A 256 36.64 -0.46 -1.75
CA THR A 256 36.85 -0.57 -3.20
C THR A 256 36.92 -2.04 -3.59
N ILE A 257 35.92 -2.49 -4.34
CA ILE A 257 35.70 -3.90 -4.65
C ILE A 257 36.26 -4.18 -6.04
N PRO A 258 36.93 -5.33 -6.26
CA PRO A 258 37.63 -5.54 -7.53
C PRO A 258 36.59 -5.59 -8.63
N GLU A 259 36.82 -4.86 -9.73
CA GLU A 259 35.96 -5.01 -10.89
C GLU A 259 36.14 -6.44 -11.40
N THR A 260 35.03 -7.18 -11.49
CA THR A 260 35.01 -8.56 -12.02
C THR A 260 33.62 -8.82 -12.60
N THR A 261 33.50 -9.93 -13.33
CA THR A 261 32.25 -10.35 -13.91
C THR A 261 31.19 -10.52 -12.83
N PHE A 262 31.58 -11.21 -11.75
CA PHE A 262 30.71 -11.46 -10.61
C PHE A 262 30.18 -10.13 -9.98
N GLN A 263 31.08 -9.15 -9.82
CA GLN A 263 30.76 -7.81 -9.31
C GLN A 263 29.76 -7.08 -10.23
N THR A 264 30.05 -7.08 -11.53
CA THR A 264 29.17 -6.49 -12.52
C THR A 264 27.81 -7.15 -12.56
N VAL A 265 27.81 -8.47 -12.69
CA VAL A 265 26.58 -9.19 -12.75
C VAL A 265 25.75 -9.07 -11.48
N SER A 266 26.39 -9.23 -10.32
CA SER A 266 25.64 -9.17 -9.06
C SER A 266 25.02 -7.76 -8.89
N TRP A 267 25.71 -6.72 -9.32
CA TRP A 267 25.24 -5.36 -9.19
C TRP A 267 23.95 -5.14 -9.96
N HIS A 268 23.95 -5.52 -11.25
CA HIS A 268 22.72 -5.42 -12.03
C HIS A 268 21.59 -6.28 -11.51
N PHE A 269 21.94 -7.48 -11.02
CA PHE A 269 20.97 -8.33 -10.40
C PHE A 269 20.32 -7.64 -9.17
N CYS A 270 21.15 -7.03 -8.30
CA CYS A 270 20.62 -6.36 -7.14
C CYS A 270 19.74 -5.18 -7.55
N ILE A 271 20.17 -4.45 -8.59
CA ILE A 271 19.35 -3.36 -9.08
C ILE A 271 17.96 -3.88 -9.56
N ALA A 272 18.00 -4.98 -10.34
CA ALA A 272 16.77 -5.57 -10.87
C ALA A 272 15.84 -6.03 -9.74
N LEU A 273 16.42 -6.61 -8.69
CA LEU A 273 15.63 -7.03 -7.51
C LEU A 273 14.81 -5.92 -6.91
N GLY A 274 15.38 -4.71 -6.85
CA GLY A 274 14.66 -3.52 -6.38
C GLY A 274 13.38 -3.26 -7.20
N TYR A 275 13.52 -3.33 -8.52
CA TYR A 275 12.43 -3.07 -9.41
C TYR A 275 11.43 -4.22 -9.44
N THR A 276 11.89 -5.42 -9.02
N THR A 276 11.85 -5.44 -9.04
CA THR A 276 11.07 -6.61 -8.86
CA THR A 276 10.91 -6.56 -8.97
C THR A 276 10.00 -6.47 -7.77
C THR A 276 9.92 -6.41 -7.81
N ASN A 277 10.29 -5.63 -6.81
CA ASN A 277 9.32 -5.28 -5.77
C ASN A 277 8.11 -4.63 -6.48
N SER A 278 8.38 -3.76 -7.45
CA SER A 278 7.35 -3.08 -8.15
C SER A 278 6.54 -4.04 -9.02
N CYS A 279 7.19 -5.12 -9.49
CA CYS A 279 6.50 -6.21 -10.17
C CYS A 279 5.62 -7.07 -9.27
N LEU A 280 5.99 -7.25 -8.00
CA LEU A 280 5.24 -8.15 -7.13
C LEU A 280 4.13 -7.42 -6.34
N ASN A 281 4.31 -6.12 -6.11
CA ASN A 281 3.29 -5.31 -5.44
C ASN A 281 1.86 -5.44 -5.96
N PRO A 282 1.64 -5.50 -7.30
CA PRO A 282 0.31 -5.75 -7.85
C PRO A 282 -0.26 -7.06 -7.38
N VAL A 283 0.60 -8.07 -7.21
CA VAL A 283 0.11 -9.33 -6.79
C VAL A 283 -0.31 -9.21 -5.33
N LEU A 284 0.60 -8.63 -4.51
CA LEU A 284 0.51 -8.63 -3.06
C LEU A 284 -0.57 -7.73 -2.57
N TYR A 285 -0.73 -6.56 -3.19
CA TYR A 285 -1.61 -5.54 -2.72
C TYR A 285 -2.86 -5.21 -3.53
N ALA A 286 -2.98 -5.73 -4.76
CA ALA A 286 -4.14 -5.55 -5.57
C ALA A 286 -4.81 -6.89 -5.74
N PHE A 287 -4.15 -7.78 -6.48
CA PHE A 287 -4.79 -9.01 -6.92
C PHE A 287 -5.15 -9.90 -5.75
N LEU A 288 -4.44 -9.77 -4.62
CA LEU A 288 -4.79 -10.52 -3.42
C LEU A 288 -5.65 -9.71 -2.42
N ASP A 289 -5.89 -8.43 -2.71
CA ASP A 289 -6.81 -7.62 -1.92
C ASP A 289 -8.22 -8.21 -1.93
N GLU A 290 -8.84 -8.25 -0.75
CA GLU A 290 -10.17 -8.87 -0.59
C GLU A 290 -11.18 -8.35 -1.59
N ASN A 291 -11.32 -7.02 -1.69
CA ASN A 291 -12.39 -6.46 -2.49
C ASN A 291 -12.01 -6.47 -3.98
N PHE A 292 -10.77 -6.05 -4.27
CA PHE A 292 -10.25 -5.94 -5.64
C PHE A 292 -10.26 -7.31 -6.27
N LYS A 293 -9.75 -8.30 -5.55
CA LYS A 293 -9.91 -9.69 -5.88
C LYS A 293 -11.21 -9.96 -6.61
N ARG A 294 -12.35 -9.50 -6.08
CA ARG A 294 -13.67 -9.92 -6.61
C ARG A 294 -13.96 -9.58 -8.08
N CYS A 295 -13.31 -8.55 -8.62
CA CYS A 295 -13.42 -8.24 -10.07
C CYS A 295 -12.21 -8.80 -10.83
N PHE A 296 -12.38 -9.44 -12.00
CA PHE A 296 -13.66 -9.75 -12.64
C PHE A 296 -14.17 -11.13 -12.18
N GLN B 1 -31.68 -17.36 22.33
CA GLN B 1 -30.44 -17.33 21.48
C GLN B 1 -29.86 -15.88 21.31
N VAL B 2 -29.06 -15.65 20.27
CA VAL B 2 -28.43 -14.35 19.99
C VAL B 2 -29.32 -13.12 20.13
N GLN B 3 -28.76 -12.06 20.72
CA GLN B 3 -29.41 -10.78 20.90
C GLN B 3 -28.51 -9.57 20.52
N LEU B 4 -28.73 -9.00 19.33
CA LEU B 4 -27.98 -7.88 18.83
C LEU B 4 -28.55 -6.59 19.36
N VAL B 5 -27.70 -5.78 20.00
CA VAL B 5 -28.08 -4.47 20.50
C VAL B 5 -27.46 -3.44 19.58
N GLU B 6 -28.30 -2.70 18.87
CA GLU B 6 -27.89 -1.64 18.00
C GLU B 6 -28.03 -0.35 18.75
N SER B 7 -27.05 0.56 18.64
CA SER B 7 -27.17 1.91 19.18
C SER B 7 -26.77 2.96 18.24
N GLY B 8 -27.13 4.21 18.57
CA GLY B 8 -26.59 5.38 17.93
C GLY B 8 -27.42 5.96 16.78
N GLY B 9 -28.60 5.36 16.54
CA GLY B 9 -29.45 5.85 15.46
C GLY B 9 -30.16 7.14 15.82
N GLY B 10 -31.18 7.46 15.05
CA GLY B 10 -32.11 8.51 15.36
C GLY B 10 -32.12 9.62 14.34
N LEU B 11 -32.38 10.84 14.84
CA LEU B 11 -32.58 12.06 14.04
C LEU B 11 -31.35 12.86 13.79
N VAL B 12 -31.04 13.10 12.51
CA VAL B 12 -29.94 13.99 12.11
C VAL B 12 -30.38 14.95 11.04
N ARG B 13 -29.75 16.13 11.03
CA ARG B 13 -29.92 17.10 9.96
C ARG B 13 -29.20 16.64 8.71
N PRO B 14 -29.72 16.99 7.50
CA PRO B 14 -29.03 16.68 6.26
C PRO B 14 -27.60 17.21 6.33
N GLY B 15 -26.65 16.37 5.93
CA GLY B 15 -25.25 16.75 5.91
C GLY B 15 -24.56 16.36 7.20
N GLY B 16 -25.34 15.92 8.21
CA GLY B 16 -24.82 15.51 9.50
C GLY B 16 -24.25 14.11 9.53
N SER B 17 -23.79 13.72 10.72
CA SER B 17 -23.13 12.45 11.00
C SER B 17 -23.85 11.65 12.12
N LEU B 18 -23.79 10.32 12.04
CA LEU B 18 -24.24 9.40 13.11
C LEU B 18 -23.27 8.26 13.13
N ARG B 19 -23.09 7.69 14.31
CA ARG B 19 -22.31 6.46 14.49
C ARG B 19 -23.22 5.39 15.06
N LEU B 20 -23.38 4.29 14.31
CA LEU B 20 -24.11 3.16 14.81
C LEU B 20 -23.11 2.21 15.38
N SER B 21 -23.57 1.38 16.33
CA SER B 21 -22.77 0.30 16.80
C SER B 21 -23.66 -0.87 17.14
N CYS B 22 -23.05 -2.03 17.19
CA CYS B 22 -23.81 -3.20 17.49
C CYS B 22 -22.95 -4.17 18.17
N VAL B 23 -23.49 -4.79 19.20
CA VAL B 23 -22.74 -5.76 19.93
C VAL B 23 -23.63 -6.99 20.18
N ASP B 24 -22.98 -8.15 20.19
CA ASP B 24 -23.48 -9.37 20.82
C ASP B 24 -22.43 -9.59 21.97
N SER B 25 -22.78 -9.11 23.17
CA SER B 25 -21.91 -9.10 24.35
C SER B 25 -21.63 -10.51 24.89
N GLU B 26 -22.44 -11.48 24.42
CA GLU B 26 -22.38 -12.88 24.85
C GLU B 26 -21.22 -13.55 24.11
N ARG B 27 -20.67 -12.87 23.12
CA ARG B 27 -19.64 -13.45 22.25
C ARG B 27 -20.18 -14.70 21.56
N THR B 28 -21.52 -14.82 21.48
CA THR B 28 -22.12 -15.91 20.70
C THR B 28 -22.20 -15.69 19.19
N SER B 29 -21.92 -14.48 18.71
CA SER B 29 -21.89 -14.24 17.27
C SER B 29 -21.03 -13.04 16.98
N TYR B 30 -20.72 -12.84 15.71
CA TYR B 30 -19.88 -11.77 15.23
C TYR B 30 -20.68 -10.79 14.38
N PRO B 31 -21.08 -9.63 14.93
CA PRO B 31 -21.66 -8.58 14.10
C PRO B 31 -20.68 -8.22 13.00
N MET B 32 -21.13 -8.40 11.75
CA MET B 32 -20.29 -8.14 10.61
C MET B 32 -20.90 -7.34 9.49
N GLY B 33 -22.23 -7.23 9.42
CA GLY B 33 -22.84 -6.48 8.36
C GLY B 33 -23.87 -5.49 8.79
N TRP B 34 -24.11 -4.53 7.87
CA TRP B 34 -25.14 -3.51 7.97
C TRP B 34 -25.98 -3.50 6.67
N PHE B 35 -27.29 -3.55 6.86
CA PHE B 35 -28.29 -3.46 5.86
C PHE B 35 -29.27 -2.35 6.28
N ARG B 36 -30.11 -1.92 5.35
CA ARG B 36 -31.13 -0.96 5.68
C ARG B 36 -32.31 -1.16 4.80
N ARG B 37 -33.45 -0.65 5.26
CA ARG B 37 -34.70 -0.68 4.48
C ARG B 37 -35.36 0.67 4.65
N ALA B 38 -35.40 1.40 3.53
CA ALA B 38 -36.12 2.67 3.41
C ALA B 38 -37.60 2.33 3.27
N PRO B 39 -38.49 3.26 3.70
CA PRO B 39 -39.93 3.03 3.59
C PRO B 39 -40.32 2.89 2.09
N GLY B 40 -41.08 1.85 1.73
CA GLY B 40 -41.45 1.54 0.37
C GLY B 40 -40.47 0.69 -0.44
N LYS B 41 -39.22 0.60 0.02
CA LYS B 41 -38.15 -0.11 -0.68
C LYS B 41 -37.81 -1.49 -0.08
N GLU B 42 -36.98 -2.23 -0.82
CA GLU B 42 -36.47 -3.53 -0.41
C GLU B 42 -35.21 -3.37 0.44
N ARG B 43 -34.98 -4.31 1.36
CA ARG B 43 -33.78 -4.39 2.20
C ARG B 43 -32.58 -4.21 1.28
N GLU B 44 -31.67 -3.30 1.60
CA GLU B 44 -30.43 -3.18 0.85
C GLU B 44 -29.15 -3.26 1.72
N PHE B 45 -28.11 -3.86 1.15
CA PHE B 45 -26.82 -3.95 1.67
C PHE B 45 -26.19 -2.58 1.81
N VAL B 46 -25.53 -2.34 2.94
CA VAL B 46 -24.84 -1.06 3.18
C VAL B 46 -23.34 -1.23 3.30
N ALA B 47 -22.92 -2.10 4.21
CA ALA B 47 -21.50 -2.35 4.44
C ALA B 47 -21.31 -3.63 5.17
N SER B 48 -20.10 -4.19 5.06
CA SER B 48 -19.74 -5.32 5.89
C SER B 48 -18.25 -5.30 6.08
N ILE B 49 -17.77 -6.20 6.93
CA ILE B 49 -16.38 -6.23 7.26
C ILE B 49 -16.04 -7.60 7.68
N THR B 50 -14.80 -7.99 7.39
CA THR B 50 -14.36 -9.31 7.73
C THR B 50 -14.19 -9.43 9.24
N TRP B 51 -14.08 -10.69 9.66
CA TRP B 51 -13.81 -11.09 11.00
C TRP B 51 -12.66 -10.28 11.65
N SER B 52 -11.55 -10.22 10.95
CA SER B 52 -10.32 -9.62 11.42
C SER B 52 -10.43 -8.07 11.64
N GLY B 53 -11.47 -7.47 11.06
CA GLY B 53 -11.63 -6.04 10.98
C GLY B 53 -10.80 -5.33 9.92
N ILE B 54 -10.05 -6.09 9.12
CA ILE B 54 -9.14 -5.50 8.15
C ILE B 54 -9.84 -4.93 6.90
N ASP B 55 -10.78 -5.70 6.32
CA ASP B 55 -11.30 -5.46 4.98
C ASP B 55 -12.78 -5.13 4.99
N PRO B 56 -13.12 -3.82 4.89
CA PRO B 56 -14.50 -3.39 4.70
C PRO B 56 -14.94 -3.46 3.21
N THR B 57 -16.24 -3.59 3.03
CA THR B 57 -16.91 -3.58 1.74
C THR B 57 -18.12 -2.70 1.89
N TYR B 58 -18.20 -1.69 1.01
CA TYR B 58 -19.24 -0.68 1.01
C TYR B 58 -20.12 -0.80 -0.23
N ALA B 59 -21.43 -0.58 -0.06
CA ALA B 59 -22.30 -0.28 -1.20
C ALA B 59 -21.84 1.01 -1.86
N ASP B 60 -21.90 1.00 -3.19
CA ASP B 60 -21.46 2.08 -4.06
C ASP B 60 -22.08 3.39 -3.65
N SER B 61 -23.38 3.37 -3.36
CA SER B 61 -24.08 4.58 -3.04
C SER B 61 -23.65 5.16 -1.66
N VAL B 62 -22.89 4.42 -0.84
CA VAL B 62 -22.40 4.94 0.41
C VAL B 62 -20.88 5.01 0.56
N ALA B 63 -20.11 4.47 -0.38
CA ALA B 63 -18.65 4.40 -0.25
C ALA B 63 -17.93 5.72 0.10
N ASP B 64 -18.39 6.82 -0.47
CA ASP B 64 -17.73 8.09 -0.29
C ASP B 64 -17.95 8.67 1.09
N ARG B 65 -18.90 8.13 1.88
CA ARG B 65 -19.37 8.81 3.10
C ARG B 65 -19.42 7.98 4.35
N PHE B 66 -19.49 6.65 4.20
CA PHE B 66 -19.63 5.72 5.31
C PHE B 66 -18.32 4.98 5.51
N THR B 67 -18.01 4.66 6.78
CA THR B 67 -16.90 3.82 7.16
C THR B 67 -17.36 2.80 8.15
N THR B 68 -16.77 1.63 8.13
CA THR B 68 -17.17 0.58 9.06
C THR B 68 -15.91 0.03 9.72
N SER B 69 -16.03 -0.42 10.96
CA SER B 69 -14.93 -1.03 11.64
C SER B 69 -15.44 -2.05 12.58
N ARG B 70 -14.55 -2.95 12.97
CA ARG B 70 -14.83 -3.97 13.89
C ARG B 70 -13.77 -3.97 14.99
N ASP B 71 -14.26 -4.00 16.24
CA ASP B 71 -13.41 -4.16 17.39
C ASP B 71 -13.40 -5.61 17.72
N VAL B 72 -12.37 -6.33 17.28
CA VAL B 72 -12.30 -7.75 17.50
C VAL B 72 -12.17 -8.13 18.96
N ALA B 73 -11.68 -7.22 19.81
CA ALA B 73 -11.47 -7.53 21.23
C ALA B 73 -12.81 -7.57 22.02
N ASN B 74 -13.75 -6.72 21.66
CA ASN B 74 -15.09 -6.84 22.27
C ASN B 74 -16.27 -7.05 21.33
N ASN B 75 -15.98 -7.58 20.13
N ASN B 75 -15.99 -7.51 20.10
CA ASN B 75 -16.98 -7.90 19.13
CA ASN B 75 -17.02 -7.97 19.22
C ASN B 75 -18.06 -6.86 18.95
C ASN B 75 -18.06 -6.88 18.87
N THR B 76 -17.62 -5.63 18.72
CA THR B 76 -18.48 -4.52 18.42
C THR B 76 -18.29 -4.15 16.95
N LEU B 77 -19.39 -3.89 16.25
CA LEU B 77 -19.33 -3.43 14.85
C LEU B 77 -19.77 -1.97 14.86
N TYR B 78 -19.08 -1.14 14.08
CA TYR B 78 -19.46 0.24 13.97
C TYR B 78 -19.76 0.60 12.57
N LEU B 79 -20.61 1.61 12.43
CA LEU B 79 -20.79 2.30 11.16
C LEU B 79 -20.81 3.79 11.40
N GLN B 80 -19.85 4.48 10.81
CA GLN B 80 -19.81 5.91 10.82
C GLN B 80 -20.41 6.37 9.50
N MET B 81 -21.47 7.16 9.61
CA MET B 81 -22.22 7.69 8.50
C MET B 81 -21.98 9.18 8.47
N ASN B 82 -21.31 9.68 7.44
CA ASN B 82 -21.15 11.14 7.26
C ASN B 82 -21.98 11.71 6.13
N SER B 83 -22.09 13.04 6.08
CA SER B 83 -22.76 13.71 4.97
C SER B 83 -24.12 13.09 4.67
N LEU B 84 -24.96 12.96 5.68
CA LEU B 84 -26.17 12.14 5.54
C LEU B 84 -27.17 12.81 4.60
N LYS B 85 -27.94 12.02 3.86
CA LYS B 85 -28.93 12.58 2.90
C LYS B 85 -30.29 11.93 3.09
N HIS B 86 -31.35 12.57 2.60
CA HIS B 86 -32.67 11.99 2.66
C HIS B 86 -32.66 10.49 2.27
N GLU B 87 -31.87 10.14 1.24
CA GLU B 87 -31.71 8.76 0.72
C GLU B 87 -31.27 7.74 1.79
N ASP B 88 -30.64 8.24 2.85
CA ASP B 88 -30.10 7.46 3.94
C ASP B 88 -31.13 7.23 5.05
N THR B 89 -32.29 7.88 4.95
CA THR B 89 -33.36 7.65 5.90
C THR B 89 -33.90 6.25 5.74
N ALA B 90 -33.81 5.45 6.80
CA ALA B 90 -34.13 4.03 6.73
C ALA B 90 -34.04 3.46 8.12
N VAL B 91 -34.57 2.26 8.29
CA VAL B 91 -34.22 1.40 9.43
C VAL B 91 -32.91 0.67 9.06
N TYR B 92 -31.90 0.79 9.92
CA TYR B 92 -30.62 0.16 9.77
C TYR B 92 -30.58 -1.07 10.70
N TYR B 93 -30.17 -2.20 10.11
CA TYR B 93 -30.07 -3.46 10.78
C TYR B 93 -28.65 -3.94 10.76
N CYS B 94 -28.23 -4.39 11.93
CA CYS B 94 -27.00 -5.12 12.15
C CYS B 94 -27.24 -6.57 11.75
N ALA B 95 -26.27 -7.18 11.10
CA ALA B 95 -26.27 -8.60 10.79
C ALA B 95 -24.98 -9.27 11.30
N ALA B 96 -25.15 -10.47 11.88
CA ALA B 96 -24.10 -11.23 12.56
C ALA B 96 -24.02 -12.65 12.02
N ARG B 97 -22.79 -13.17 12.02
CA ARG B 97 -22.51 -14.61 11.84
C ARG B 97 -22.26 -15.34 13.15
N ALA B 98 -22.80 -16.56 13.18
CA ALA B 98 -22.44 -17.62 14.11
C ALA B 98 -20.96 -17.97 13.93
N PRO B 99 -20.23 -18.31 15.01
CA PRO B 99 -18.84 -18.77 14.85
C PRO B 99 -18.73 -20.01 13.95
N VAL B 100 -19.73 -20.92 14.02
CA VAL B 100 -19.84 -22.11 13.16
C VAL B 100 -20.48 -21.71 11.84
N ASP B 108 -24.83 -15.38 3.18
CA ASP B 108 -25.94 -14.84 3.96
C ASP B 108 -25.45 -14.49 5.37
N TYR B 109 -26.37 -14.14 6.26
CA TYR B 109 -26.08 -13.92 7.68
C TYR B 109 -27.09 -14.68 8.46
N ASP B 110 -26.71 -15.08 9.67
CA ASP B 110 -27.50 -15.95 10.49
C ASP B 110 -28.44 -15.20 11.43
N TYR B 111 -28.06 -13.98 11.83
CA TYR B 111 -28.80 -13.18 12.84
C TYR B 111 -28.91 -11.76 12.39
N TRP B 112 -30.00 -11.10 12.81
CA TRP B 112 -30.43 -9.76 12.36
C TRP B 112 -30.91 -9.04 13.57
N GLY B 113 -30.47 -7.79 13.75
CA GLY B 113 -31.05 -6.93 14.76
C GLY B 113 -32.47 -6.55 14.40
N GLN B 114 -33.19 -5.97 15.37
CA GLN B 114 -34.52 -5.51 15.14
C GLN B 114 -34.54 -4.18 14.43
N GLY B 115 -33.39 -3.51 14.39
CA GLY B 115 -33.16 -2.36 13.56
C GLY B 115 -33.16 -1.06 14.34
N THR B 116 -32.57 -0.02 13.77
CA THR B 116 -32.70 1.33 14.29
C THR B 116 -33.06 2.32 13.22
N GLN B 117 -34.03 3.18 13.55
CA GLN B 117 -34.48 4.23 12.68
C GLN B 117 -33.39 5.28 12.58
N VAL B 118 -32.94 5.51 11.34
CA VAL B 118 -32.19 6.73 11.01
C VAL B 118 -33.08 7.68 10.21
N THR B 119 -33.33 8.87 10.75
CA THR B 119 -34.17 9.85 10.05
C THR B 119 -33.39 11.11 9.78
N VAL B 120 -33.22 11.40 8.48
CA VAL B 120 -32.56 12.61 8.00
C VAL B 120 -33.62 13.67 7.62
N SER B 121 -33.70 14.71 8.44
CA SER B 121 -34.71 15.72 8.30
C SER B 121 -34.19 17.00 8.83
N SER B 122 -34.66 18.10 8.23
CA SER B 122 -34.36 19.44 8.67
C SER B 122 -35.13 19.82 9.96
N ALA B 123 -36.21 19.10 10.29
CA ALA B 123 -36.94 19.30 11.55
C ALA B 123 -36.18 18.83 12.81
N ALA B 124 -35.00 18.19 12.59
CA ALA B 124 -34.02 17.81 13.63
C ALA B 124 -33.44 19.01 14.41
N ALA B 125 -32.45 18.75 15.28
CA ALA B 125 -31.72 19.80 16.02
C ALA B 125 -30.21 19.61 15.93
C9 OLC C . 16.40 -6.27 7.74
C8 OLC C . 17.34 -7.22 7.07
C24 OLC C . 30.53 -8.27 3.72
C7 OLC C . 18.79 -6.94 7.38
C6 OLC C . 19.79 -7.86 6.67
C5 OLC C . 21.21 -7.31 6.63
C4 OLC C . 22.26 -8.29 6.14
C3 OLC C . 23.68 -7.81 6.35
C2 OLC C . 24.70 -8.55 5.52
C21 OLC C . 28.26 -8.21 4.86
C1 OLC C . 25.96 -7.76 5.26
C22 OLC C . 29.03 -8.08 3.56
O19 OLC C . 26.15 -6.62 5.62
O25 OLC C . 31.21 -8.12 2.48
O23 OLC C . 28.54 -9.02 2.61
O20 OLC C . 26.86 -8.47 4.58
C10 OLC D . 20.49 -3.39 8.75
C9 OLC D . 21.76 -3.36 9.03
C11 OLC D . 19.91 -3.63 7.39
C8 OLC D . 22.87 -3.52 8.06
C24 OLC D . 33.35 -6.25 4.72
C7 OLC D . 24.06 -2.66 8.37
C6 OLC D . 24.35 -1.57 7.35
C5 OLC D . 25.78 -1.50 6.90
C4 OLC D . 26.19 -2.56 5.91
C3 OLC D . 27.44 -3.36 6.30
C2 OLC D . 28.66 -2.89 5.59
C21 OLC D . 31.38 -4.68 4.53
C1 OLC D . 29.92 -3.58 6.03
C22 OLC D . 32.86 -4.81 4.75
O19 OLC D . 30.03 -4.20 7.06
O25 OLC D . 34.78 -6.31 4.75
O23 OLC D . 33.55 -4.03 3.79
O20 OLC D . 30.90 -3.45 5.14
C1 CLR E . 30.61 -8.09 -1.59
C2 CLR E . 31.94 -7.65 -2.20
C3 CLR E . 32.18 -8.33 -3.52
C4 CLR E . 31.03 -8.10 -4.48
C5 CLR E . 29.66 -8.37 -3.89
C6 CLR E . 28.76 -9.04 -4.59
C7 CLR E . 27.36 -9.31 -4.14
C8 CLR E . 26.95 -8.56 -2.87
C9 CLR E . 28.14 -8.50 -1.89
C10 CLR E . 29.39 -7.80 -2.50
C11 CLR E . 27.71 -7.92 -0.53
C12 CLR E . 26.45 -8.55 0.07
C13 CLR E . 25.27 -8.56 -0.91
C14 CLR E . 25.77 -9.25 -2.19
C15 CLR E . 24.51 -9.55 -3.00
C16 CLR E . 23.46 -9.86 -1.92
C17 CLR E . 24.07 -9.48 -0.54
C18 CLR E . 24.78 -7.12 -1.16
C19 CLR E . 29.19 -6.28 -2.64
C20 CLR E . 22.99 -9.02 0.46
C21 CLR E . 23.56 -8.43 1.74
C22 CLR E . 22.05 -10.19 0.78
C23 CLR E . 20.75 -9.83 1.47
C24 CLR E . 19.79 -10.99 1.50
C25 CLR E . 18.43 -10.71 2.12
C26 CLR E . 17.45 -11.82 1.78
C27 CLR E . 18.52 -10.53 3.62
O1 CLR E . 33.40 -7.82 -4.09
P PO4 F . 35.20 18.78 -2.60
O1 PO4 F . 35.70 19.34 -3.94
O2 PO4 F . 35.25 17.24 -2.63
O3 PO4 F . 36.06 19.31 -1.47
O4 PO4 F . 33.75 19.23 -2.39
O1 P6G G . -8.01 10.71 11.47
C2 P6G G . -7.63 10.54 12.84
C3 P6G G . -7.10 9.16 13.14
O4 P6G G . -5.68 9.22 13.30
C5 P6G G . -4.99 8.12 12.70
C6 P6G G . -3.51 8.21 13.01
O7 P6G G . -2.75 8.08 11.80
C8 P6G G . -1.45 7.51 12.01
C9 P6G G . -0.42 8.32 11.29
O10 P6G G . -0.04 7.70 10.06
C11 P6G G . -1.13 7.43 9.18
C12 P6G G . -0.74 7.62 7.73
O13 P6G G . 0.27 6.68 7.36
C14 P6G G . 1.56 7.26 7.18
C15 P6G G . 2.34 6.46 6.20
O16 P6G G . 3.68 6.32 6.65
C17 P6G G . 4.65 6.50 5.62
C18 P6G G . 5.39 7.78 5.86
O19 P6G G . 6.74 7.55 6.18
O1 PG4 H . -7.49 -3.28 -22.54
C1 PG4 H . -6.93 -3.94 -21.43
C2 PG4 H . -5.79 -3.19 -20.83
O2 PG4 H . -5.11 -4.02 -19.90
C3 PG4 H . -3.88 -3.44 -19.43
C4 PG4 H . -2.72 -4.26 -19.92
O3 PG4 H . -1.75 -3.38 -20.47
C5 PG4 H . -0.47 -3.99 -20.63
C6 PG4 H . 0.49 -3.04 -21.25
O4 PG4 H . 1.75 -3.70 -21.43
C7 PG4 H . 2.75 -2.87 -21.98
C8 PG4 H . 4.10 -3.50 -21.81
O5 PG4 H . 3.97 -4.72 -21.10
#